data_6NP4
#
_entry.id   6NP4
#
_cell.length_a   87.642
_cell.length_b   86.157
_cell.length_c   50.241
_cell.angle_alpha   90.000
_cell.angle_beta   119.720
_cell.angle_gamma   90.000
#
_symmetry.space_group_name_H-M   'C 1 2 1'
#
loop_
_entity.id
_entity.type
_entity.pdbx_description
1 polymer 'Aminoglycoside N(3)-acetyltransferase'
2 non-polymer TOBRAMYCIN
3 non-polymer 'MAGNESIUM ION'
4 water water
#
_entity_poly.entity_id   1
_entity_poly.type   'polypeptide(L)'
_entity_poly.pdbx_seq_one_letter_code
;TPWSKSELVRQLRDLGVRSGDMVMPHVSLRAVGPLADGPQTLVDALIEAVGPTGNILAFVSWRDSPYEQTLGHDAPPAAI
AQSWPAFDPDHAPAYPGFGAINEFIRTYPGCRRSAHPDASMAAIGPDAAWLVAPHEMGAAYGPRSPIARFLAHAGKILSI
GAGPDAVTALHYAEAVARIEGKRRVTYSMPLLREGKRVWVTTSDWDSNGILDEYAAPDGPDAVERIARDYLARTRVAQGP
VGGAQSRLIDAADIVSFGIEWLEARHAA
;
_entity_poly.pdbx_strand_id   A
#
# COMPACT_ATOMS: atom_id res chain seq x y z
N THR A 1 5.88 -26.42 -13.24
CA THR A 1 7.25 -26.13 -12.82
C THR A 1 7.28 -24.79 -12.09
N PRO A 2 7.69 -24.78 -10.82
CA PRO A 2 7.66 -23.51 -10.08
C PRO A 2 8.57 -22.46 -10.70
N TRP A 3 8.11 -21.22 -10.68
CA TRP A 3 8.87 -20.12 -11.26
C TRP A 3 10.16 -19.88 -10.46
N SER A 4 11.25 -19.70 -11.20
CA SER A 4 12.52 -19.36 -10.60
C SER A 4 12.67 -17.84 -10.47
N LYS A 5 13.57 -17.43 -9.58
N LYS A 5 13.56 -17.44 -9.55
CA LYS A 5 13.86 -16.01 -9.46
CA LYS A 5 13.86 -16.03 -9.41
C LYS A 5 14.26 -15.40 -10.79
C LYS A 5 14.27 -15.41 -10.75
N SER A 6 15.12 -16.07 -11.55
N SER A 6 15.10 -16.11 -11.51
CA SER A 6 15.61 -15.49 -12.80
CA SER A 6 15.60 -15.55 -12.76
C SER A 6 14.46 -15.28 -13.78
C SER A 6 14.47 -15.30 -13.74
N GLU A 7 13.54 -16.25 -13.85
CA GLU A 7 12.40 -16.07 -14.74
C GLU A 7 11.58 -14.85 -14.35
N LEU A 8 11.32 -14.69 -13.06
CA LEU A 8 10.54 -13.53 -12.61
C LEU A 8 11.27 -12.22 -12.89
N VAL A 9 12.58 -12.19 -12.71
CA VAL A 9 13.32 -10.95 -12.96
C VAL A 9 13.19 -10.57 -14.44
N ARG A 10 13.34 -11.55 -15.34
CA ARG A 10 13.21 -11.23 -16.75
C ARG A 10 11.79 -10.78 -17.08
N GLN A 11 10.79 -11.39 -16.47
CA GLN A 11 9.42 -10.91 -16.68
C GLN A 11 9.22 -9.49 -16.18
N LEU A 12 9.80 -9.17 -15.02
CA LEU A 12 9.69 -7.81 -14.50
C LEU A 12 10.37 -6.80 -15.41
N ARG A 13 11.53 -7.16 -15.95
N ARG A 13 11.54 -7.15 -15.95
N ARG A 13 11.53 -7.15 -15.95
CA ARG A 13 12.19 -6.30 -16.92
CA ARG A 13 12.19 -6.29 -16.92
CA ARG A 13 12.18 -6.28 -16.91
C ARG A 13 11.31 -6.10 -18.16
C ARG A 13 11.32 -6.10 -18.16
C ARG A 13 11.31 -6.10 -18.16
N ASP A 14 10.73 -7.19 -18.66
CA ASP A 14 9.85 -7.09 -19.83
C ASP A 14 8.70 -6.14 -19.56
N LEU A 15 8.15 -6.15 -18.35
CA LEU A 15 7.05 -5.28 -17.98
C LEU A 15 7.46 -3.81 -17.87
N GLY A 16 8.73 -3.54 -17.70
CA GLY A 16 9.25 -2.19 -17.63
C GLY A 16 9.87 -1.78 -16.32
N VAL A 17 10.08 -2.71 -15.39
CA VAL A 17 10.82 -2.37 -14.19
C VAL A 17 12.29 -2.22 -14.55
N ARG A 18 12.89 -1.11 -14.13
CA ARG A 18 14.28 -0.80 -14.43
C ARG A 18 15.07 -0.64 -13.15
N SER A 19 16.36 -0.91 -13.24
N SER A 19 16.35 -0.91 -13.25
CA SER A 19 17.26 -0.65 -12.12
CA SER A 19 17.24 -0.64 -12.15
C SER A 19 17.12 0.80 -11.69
C SER A 19 17.06 0.81 -11.71
N GLY A 20 16.98 1.02 -10.39
CA GLY A 20 16.78 2.34 -9.83
C GLY A 20 15.33 2.72 -9.58
N ASP A 21 14.39 1.91 -10.03
CA ASP A 21 12.98 2.27 -9.88
C ASP A 21 12.55 2.21 -8.41
N MET A 22 11.47 2.96 -8.16
CA MET A 22 10.74 3.03 -6.90
C MET A 22 9.41 2.32 -7.14
N VAL A 23 9.22 1.12 -6.58
N VAL A 23 9.23 1.13 -6.60
CA VAL A 23 8.09 0.25 -6.91
CA VAL A 23 8.05 0.34 -6.88
C VAL A 23 7.28 -0.08 -5.66
C VAL A 23 7.26 0.13 -5.60
N MET A 24 5.95 0.01 -5.78
CA MET A 24 5.00 -0.38 -4.75
C MET A 24 4.20 -1.56 -5.29
N PRO A 25 4.41 -2.77 -4.77
CA PRO A 25 3.72 -3.94 -5.31
C PRO A 25 2.40 -4.20 -4.59
N HIS A 26 1.47 -4.77 -5.35
CA HIS A 26 0.23 -5.34 -4.85
C HIS A 26 0.14 -6.70 -5.52
N VAL A 27 0.14 -7.78 -4.74
CA VAL A 27 0.35 -9.12 -5.28
C VAL A 27 -0.74 -10.09 -4.85
N SER A 28 -1.27 -10.84 -5.81
CA SER A 28 -2.06 -12.03 -5.54
C SER A 28 -1.14 -13.24 -5.75
N LEU A 29 -0.69 -13.84 -4.64
CA LEU A 29 0.19 -15.00 -4.77
C LEU A 29 -0.54 -16.18 -5.40
N ARG A 30 -1.86 -16.28 -5.25
CA ARG A 30 -2.61 -17.33 -5.92
C ARG A 30 -2.50 -17.19 -7.44
N ALA A 31 -2.56 -15.96 -7.93
CA ALA A 31 -2.44 -15.72 -9.37
C ALA A 31 -1.04 -16.02 -9.87
N VAL A 32 -0.02 -15.73 -9.07
CA VAL A 32 1.36 -15.94 -9.47
C VAL A 32 1.64 -17.43 -9.67
N GLY A 33 1.11 -18.27 -8.79
CA GLY A 33 1.34 -19.70 -8.87
C GLY A 33 2.61 -20.12 -8.17
N PRO A 34 2.94 -21.41 -8.24
CA PRO A 34 4.05 -21.94 -7.44
C PRO A 34 5.38 -21.29 -7.76
N LEU A 35 6.15 -21.01 -6.70
CA LEU A 35 7.43 -20.35 -6.77
C LEU A 35 8.50 -21.28 -6.21
N ALA A 36 9.70 -21.20 -6.79
CA ALA A 36 10.77 -22.14 -6.46
C ALA A 36 11.02 -22.26 -4.96
N ASP A 37 11.06 -21.11 -4.25
CA ASP A 37 11.28 -21.11 -2.81
C ASP A 37 10.17 -20.36 -2.10
N GLY A 38 8.94 -20.46 -2.61
CA GLY A 38 7.83 -19.78 -2.01
C GLY A 38 7.86 -18.29 -2.24
N PRO A 39 7.07 -17.53 -1.48
CA PRO A 39 6.97 -16.08 -1.70
C PRO A 39 8.30 -15.34 -1.69
N GLN A 40 9.29 -15.83 -0.93
CA GLN A 40 10.58 -15.16 -0.92
C GLN A 40 11.18 -15.07 -2.32
N THR A 41 10.88 -16.03 -3.19
CA THR A 41 11.41 -15.98 -4.55
C THR A 41 10.98 -14.70 -5.26
N LEU A 42 9.72 -14.30 -5.07
CA LEU A 42 9.23 -13.08 -5.71
C LEU A 42 9.78 -11.83 -5.02
N VAL A 43 9.88 -11.85 -3.68
CA VAL A 43 10.55 -10.74 -3.00
C VAL A 43 11.97 -10.57 -3.54
N ASP A 44 12.73 -11.65 -3.61
CA ASP A 44 14.09 -11.58 -4.11
C ASP A 44 14.12 -11.07 -5.55
N ALA A 45 13.18 -11.51 -6.37
CA ALA A 45 13.14 -11.04 -7.76
C ALA A 45 12.85 -9.55 -7.84
N LEU A 46 11.92 -9.06 -7.03
CA LEU A 46 11.63 -7.63 -7.00
C LEU A 46 12.85 -6.80 -6.60
N ILE A 47 13.55 -7.27 -5.56
CA ILE A 47 14.74 -6.56 -5.11
C ILE A 47 15.81 -6.56 -6.20
N GLU A 48 15.98 -7.69 -6.87
CA GLU A 48 16.97 -7.72 -7.95
C GLU A 48 16.56 -6.83 -9.12
N ALA A 49 15.28 -6.80 -9.45
CA ALA A 49 14.84 -6.00 -10.57
C ALA A 49 15.05 -4.50 -10.33
N VAL A 50 14.79 -4.01 -9.12
CA VAL A 50 15.02 -2.59 -8.85
C VAL A 50 16.50 -2.29 -8.59
N GLY A 51 17.32 -3.31 -8.29
CA GLY A 51 18.74 -3.16 -8.15
C GLY A 51 19.13 -2.45 -6.88
N PRO A 52 20.44 -2.32 -6.65
CA PRO A 52 20.93 -1.73 -5.39
C PRO A 52 20.66 -0.25 -5.24
N THR A 53 20.22 0.47 -6.29
CA THR A 53 19.79 1.87 -6.11
C THR A 53 18.27 2.01 -6.11
N GLY A 54 17.53 0.94 -6.33
CA GLY A 54 16.09 1.00 -6.35
C GLY A 54 15.49 0.85 -4.97
N ASN A 55 14.16 1.01 -4.92
CA ASN A 55 13.44 0.95 -3.66
C ASN A 55 12.13 0.21 -3.86
N ILE A 56 11.69 -0.45 -2.79
CA ILE A 56 10.38 -1.08 -2.70
C ILE A 56 9.64 -0.46 -1.53
N LEU A 57 8.35 -0.12 -1.72
CA LEU A 57 7.48 0.36 -0.66
C LEU A 57 6.24 -0.52 -0.67
N ALA A 58 5.85 -1.04 0.49
CA ALA A 58 4.66 -1.90 0.58
C ALA A 58 3.78 -1.43 1.71
N PHE A 59 2.47 -1.47 1.48
CA PHE A 59 1.48 -1.19 2.52
C PHE A 59 1.21 -2.49 3.28
N VAL A 60 1.84 -2.64 4.46
CA VAL A 60 1.80 -3.89 5.18
C VAL A 60 0.81 -3.89 6.36
N SER A 61 0.51 -2.73 6.93
CA SER A 61 -0.42 -2.64 8.06
C SER A 61 0.08 -3.54 9.20
N TRP A 62 -0.87 -4.11 9.94
CA TRP A 62 -0.58 -4.82 11.19
C TRP A 62 -1.67 -5.87 11.36
N ARG A 63 -1.26 -7.14 11.56
CA ARG A 63 -2.19 -8.24 11.80
C ARG A 63 -3.18 -7.90 12.90
N ASP A 64 -2.71 -7.23 13.95
CA ASP A 64 -3.50 -7.02 15.17
C ASP A 64 -3.89 -5.57 15.35
N SER A 65 -4.10 -4.84 14.27
CA SER A 65 -4.57 -3.47 14.44
C SER A 65 -5.95 -3.45 15.07
N PRO A 66 -6.15 -2.68 16.16
CA PRO A 66 -7.46 -2.63 16.82
C PRO A 66 -8.40 -1.61 16.18
N TYR A 67 -8.45 -1.61 14.85
CA TYR A 67 -9.25 -0.64 14.10
C TYR A 67 -10.74 -0.81 14.39
N GLU A 68 -11.28 -1.99 14.12
CA GLU A 68 -12.71 -2.21 14.31
C GLU A 68 -13.08 -2.03 15.77
N GLN A 69 -12.19 -2.44 16.68
CA GLN A 69 -12.46 -2.45 18.11
C GLN A 69 -12.47 -1.05 18.71
N THR A 70 -11.87 -0.07 18.03
CA THR A 70 -11.83 1.30 18.52
C THR A 70 -12.57 2.28 17.63
N LEU A 71 -13.06 1.84 16.48
CA LEU A 71 -13.67 2.73 15.50
C LEU A 71 -14.91 3.39 16.10
N GLY A 72 -15.00 4.71 15.96
CA GLY A 72 -16.14 5.46 16.39
C GLY A 72 -16.16 5.84 17.85
N HIS A 73 -15.18 5.46 18.62
CA HIS A 73 -15.12 5.78 20.04
C HIS A 73 -14.16 6.95 20.26
N ASP A 74 -14.44 7.77 21.26
CA ASP A 74 -13.53 8.87 21.58
C ASP A 74 -12.31 8.43 22.38
N ALA A 75 -12.27 7.18 22.80
CA ALA A 75 -11.16 6.58 23.53
C ALA A 75 -11.26 5.08 23.34
N PRO A 76 -10.17 4.35 23.45
CA PRO A 76 -10.31 2.89 23.36
C PRO A 76 -11.20 2.37 24.45
N PRO A 77 -12.11 1.43 24.14
CA PRO A 77 -12.89 0.79 25.20
C PRO A 77 -11.97 0.18 26.24
N ALA A 78 -12.47 0.11 27.48
CA ALA A 78 -11.61 -0.19 28.62
C ALA A 78 -10.88 -1.53 28.47
N ALA A 79 -11.60 -2.58 28.05
CA ALA A 79 -10.97 -3.90 27.96
C ALA A 79 -9.91 -3.93 26.87
N ILE A 80 -10.16 -3.22 25.77
CA ILE A 80 -9.15 -3.08 24.71
C ILE A 80 -7.94 -2.32 25.25
N ALA A 81 -8.22 -1.21 25.92
CA ALA A 81 -7.16 -0.33 26.40
C ALA A 81 -6.21 -1.06 27.34
N GLN A 82 -6.76 -1.94 28.19
CA GLN A 82 -5.91 -2.56 29.19
C GLN A 82 -4.96 -3.59 28.61
N SER A 83 -5.40 -4.38 27.62
CA SER A 83 -4.62 -5.54 27.23
C SER A 83 -4.08 -5.54 25.82
N TRP A 84 -4.42 -4.58 24.97
CA TRP A 84 -3.93 -4.67 23.60
C TRP A 84 -2.41 -4.48 23.57
N PRO A 85 -1.70 -5.25 22.74
CA PRO A 85 -0.26 -5.01 22.59
C PRO A 85 0.01 -3.67 21.91
N ALA A 86 1.00 -2.94 22.42
CA ALA A 86 1.49 -1.78 21.69
C ALA A 86 2.07 -2.23 20.36
N PHE A 87 1.88 -1.41 19.33
CA PHE A 87 2.50 -1.66 18.04
C PHE A 87 4.01 -1.56 18.18
N ASP A 88 4.71 -2.63 17.83
CA ASP A 88 6.16 -2.65 17.88
C ASP A 88 6.64 -2.88 16.46
N PRO A 89 7.17 -1.88 15.77
CA PRO A 89 7.44 -2.04 14.34
C PRO A 89 8.44 -3.14 14.03
N ASP A 90 9.31 -3.48 14.98
CA ASP A 90 10.28 -4.54 14.75
C ASP A 90 9.67 -5.93 14.78
N HIS A 91 8.53 -6.11 15.44
CA HIS A 91 8.01 -7.44 15.73
C HIS A 91 6.57 -7.67 15.29
N ALA A 92 5.83 -6.62 14.96
CA ALA A 92 4.41 -6.76 14.66
C ALA A 92 4.20 -7.36 13.27
N PRO A 93 3.52 -8.49 13.16
CA PRO A 93 3.31 -9.06 11.82
C PRO A 93 2.44 -8.18 10.93
N ALA A 94 2.65 -8.31 9.63
CA ALA A 94 1.82 -7.66 8.61
C ALA A 94 0.41 -8.22 8.63
N TYR A 95 -0.52 -7.46 8.05
CA TYR A 95 -1.92 -7.90 7.92
C TYR A 95 -2.09 -8.86 6.73
N PRO A 96 -2.53 -10.10 6.95
CA PRO A 96 -2.62 -11.04 5.81
C PRO A 96 -3.52 -10.57 4.65
N GLY A 97 -4.57 -9.81 4.92
CA GLY A 97 -5.55 -9.46 3.90
C GLY A 97 -5.06 -8.52 2.80
N PHE A 98 -3.93 -7.84 2.99
CA PHE A 98 -3.37 -6.99 1.94
C PHE A 98 -2.31 -7.71 1.15
N GLY A 99 -2.14 -9.01 1.42
CA GLY A 99 -1.21 -9.85 0.68
C GLY A 99 -0.26 -10.59 1.60
N ALA A 100 -0.18 -11.91 1.45
CA ALA A 100 0.75 -12.71 2.23
C ALA A 100 2.21 -12.40 1.90
N ILE A 101 2.51 -11.74 0.78
CA ILE A 101 3.89 -11.39 0.52
C ILE A 101 4.41 -10.36 1.51
N ASN A 102 3.51 -9.58 2.12
CA ASN A 102 3.96 -8.43 2.89
C ASN A 102 4.73 -8.82 4.13
N GLU A 103 4.43 -9.98 4.73
CA GLU A 103 5.21 -10.42 5.89
C GLU A 103 6.64 -10.77 5.49
N PHE A 104 6.82 -11.28 4.27
CA PHE A 104 8.16 -11.56 3.77
C PHE A 104 8.89 -10.26 3.47
N ILE A 105 8.22 -9.28 2.88
CA ILE A 105 8.84 -7.98 2.67
C ILE A 105 9.30 -7.39 4.00
N ARG A 106 8.39 -7.32 4.98
CA ARG A 106 8.70 -6.56 6.18
C ARG A 106 9.81 -7.20 7.01
N THR A 107 9.99 -8.52 6.90
CA THR A 107 11.05 -9.23 7.62
C THR A 107 12.35 -9.31 6.85
N TYR A 108 12.42 -8.75 5.67
CA TYR A 108 13.66 -8.76 4.91
C TYR A 108 14.74 -7.95 5.64
N PRO A 109 15.98 -8.44 5.71
CA PRO A 109 17.00 -7.70 6.45
C PRO A 109 17.18 -6.30 5.89
N GLY A 110 17.20 -5.30 6.77
CA GLY A 110 17.34 -3.92 6.37
C GLY A 110 16.04 -3.21 6.07
N CYS A 111 14.93 -3.92 6.01
CA CYS A 111 13.65 -3.26 5.77
C CYS A 111 13.38 -2.26 6.87
N ARG A 112 12.83 -1.11 6.51
CA ARG A 112 12.39 -0.12 7.47
C ARG A 112 10.87 -0.12 7.51
N ARG A 113 10.31 0.28 8.63
CA ARG A 113 8.89 0.17 8.86
C ARG A 113 8.35 1.48 9.42
N SER A 114 7.22 1.92 8.90
CA SER A 114 6.64 3.17 9.38
C SER A 114 5.86 2.98 10.68
N ALA A 115 5.69 4.11 11.37
CA ALA A 115 5.22 4.16 12.74
C ALA A 115 3.70 4.11 12.87
N HIS A 116 2.95 4.27 11.81
CA HIS A 116 1.50 4.31 11.91
C HIS A 116 0.99 2.89 12.02
N PRO A 117 0.39 2.47 13.14
CA PRO A 117 0.13 1.02 13.28
C PRO A 117 -0.87 0.48 12.28
N ASP A 118 -1.88 1.25 11.90
CA ASP A 118 -2.90 0.74 11.00
C ASP A 118 -2.49 0.90 9.54
N ALA A 119 -1.81 1.99 9.22
CA ALA A 119 -1.41 2.30 7.84
C ALA A 119 0.04 1.90 7.57
N SER A 120 0.63 1.05 8.41
N SER A 120 0.61 1.03 8.41
CA SER A 120 2.08 0.85 8.37
CA SER A 120 2.06 0.83 8.44
C SER A 120 2.59 0.48 6.98
C SER A 120 2.61 0.41 7.09
N MET A 121 3.71 1.11 6.61
N MET A 121 3.68 1.08 6.69
CA MET A 121 4.39 0.91 5.34
CA MET A 121 4.37 0.82 5.44
C MET A 121 5.81 0.39 5.58
C MET A 121 5.71 0.17 5.73
N ALA A 122 6.23 -0.56 4.75
CA ALA A 122 7.56 -1.15 4.82
C ALA A 122 8.34 -0.73 3.59
N ALA A 123 9.62 -0.43 3.75
CA ALA A 123 10.44 -0.02 2.61
C ALA A 123 11.81 -0.66 2.66
N ILE A 124 12.28 -1.06 1.49
CA ILE A 124 13.62 -1.64 1.27
C ILE A 124 14.33 -0.78 0.22
N GLY A 125 15.54 -0.38 0.53
CA GLY A 125 16.40 0.33 -0.40
C GLY A 125 17.04 1.54 0.20
N PRO A 126 17.90 2.23 -0.56
CA PRO A 126 18.67 3.33 0.00
C PRO A 126 17.82 4.47 0.53
N ASP A 127 16.62 4.65 0.00
CA ASP A 127 15.75 5.74 0.41
C ASP A 127 14.70 5.29 1.42
N ALA A 128 14.87 4.11 2.02
CA ALA A 128 13.84 3.54 2.88
C ALA A 128 13.54 4.43 4.09
N ALA A 129 14.57 4.96 4.74
CA ALA A 129 14.32 5.78 5.93
C ALA A 129 13.54 7.03 5.56
N TRP A 130 13.90 7.67 4.45
CA TRP A 130 13.19 8.84 3.99
C TRP A 130 11.75 8.51 3.61
N LEU A 131 11.50 7.32 3.07
CA LEU A 131 10.14 6.94 2.72
C LEU A 131 9.28 6.75 3.94
N VAL A 132 9.78 6.08 4.98
CA VAL A 132 8.88 5.60 6.03
C VAL A 132 8.59 6.59 7.14
N ALA A 133 9.32 7.70 7.25
CA ALA A 133 9.11 8.63 8.35
C ALA A 133 9.13 10.03 7.80
N PRO A 134 8.23 10.91 8.25
CA PRO A 134 7.24 10.69 9.30
C PRO A 134 6.05 9.87 8.82
N HIS A 135 5.36 9.23 9.76
CA HIS A 135 4.09 8.60 9.44
C HIS A 135 3.22 8.70 10.69
N GLU A 136 2.55 9.82 10.83
CA GLU A 136 1.85 10.18 12.04
C GLU A 136 0.38 9.82 11.97
N MET A 137 -0.18 9.54 13.14
CA MET A 137 -1.60 9.40 13.26
C MET A 137 -2.27 10.66 12.72
N GLY A 138 -3.33 10.46 11.94
CA GLY A 138 -4.01 11.54 11.24
C GLY A 138 -3.49 11.81 9.85
N ALA A 139 -2.43 11.10 9.42
CA ALA A 139 -1.82 11.25 8.09
C ALA A 139 -1.56 9.84 7.50
N ALA A 140 -2.61 9.06 7.37
CA ALA A 140 -2.46 7.66 6.96
C ALA A 140 -1.96 7.54 5.53
N TYR A 141 -2.67 8.13 4.56
CA TYR A 141 -2.38 7.97 3.14
C TYR A 141 -2.23 9.27 2.39
N GLY A 142 -2.42 10.39 3.06
CA GLY A 142 -2.45 11.67 2.44
C GLY A 142 -1.14 12.43 2.52
N PRO A 143 -1.21 13.76 2.43
CA PRO A 143 -0.04 14.60 2.64
C PRO A 143 0.72 14.19 3.89
N ARG A 144 2.04 14.19 3.77
CA ARG A 144 3.00 13.93 4.84
C ARG A 144 3.19 12.44 5.11
N SER A 145 2.48 11.57 4.42
CA SER A 145 2.62 10.13 4.61
C SER A 145 3.68 9.57 3.69
N PRO A 146 4.05 8.31 3.88
CA PRO A 146 4.93 7.64 2.91
C PRO A 146 4.38 7.62 1.50
N ILE A 147 3.05 7.53 1.35
CA ILE A 147 2.49 7.57 0.00
C ILE A 147 2.79 8.91 -0.65
N ALA A 148 2.67 10.00 0.09
CA ALA A 148 3.00 11.32 -0.46
C ALA A 148 4.42 11.35 -0.99
N ARG A 149 5.36 10.82 -0.24
CA ARG A 149 6.77 10.83 -0.66
C ARG A 149 6.99 9.90 -1.84
N PHE A 150 6.36 8.73 -1.84
CA PHE A 150 6.39 7.80 -2.98
C PHE A 150 5.96 8.49 -4.26
N LEU A 151 4.89 9.28 -4.20
CA LEU A 151 4.37 10.00 -5.35
C LEU A 151 5.32 11.07 -5.85
N ALA A 152 6.16 11.62 -4.98
CA ALA A 152 7.19 12.59 -5.32
C ALA A 152 8.49 11.93 -5.76
N HIS A 153 8.58 10.61 -5.71
CA HIS A 153 9.80 9.85 -5.93
C HIS A 153 9.67 8.94 -7.16
N ALA A 154 8.91 9.39 -8.15
CA ALA A 154 8.81 8.67 -9.42
C ALA A 154 8.19 7.29 -9.21
N GLY A 155 7.30 7.14 -8.23
CA GLY A 155 6.81 5.83 -7.90
C GLY A 155 6.05 5.16 -9.04
N LYS A 156 6.22 3.84 -9.11
CA LYS A 156 5.47 2.96 -9.99
C LYS A 156 4.70 1.96 -9.14
N ILE A 157 3.46 1.72 -9.51
CA ILE A 157 2.61 0.74 -8.84
C ILE A 157 2.64 -0.53 -9.66
N LEU A 158 3.08 -1.61 -9.04
CA LEU A 158 3.24 -2.90 -9.70
C LEU A 158 2.14 -3.84 -9.21
N SER A 159 1.12 -4.01 -10.03
CA SER A 159 -0.02 -4.85 -9.69
C SER A 159 0.18 -6.21 -10.33
N ILE A 160 0.36 -7.24 -9.51
CA ILE A 160 0.66 -8.59 -9.96
C ILE A 160 -0.55 -9.45 -9.63
N GLY A 161 -1.48 -9.54 -10.57
CA GLY A 161 -2.70 -10.28 -10.37
C GLY A 161 -3.70 -9.64 -9.44
N ALA A 162 -3.45 -8.42 -8.97
CA ALA A 162 -4.34 -7.76 -8.04
C ALA A 162 -5.40 -6.98 -8.79
N GLY A 163 -6.56 -6.82 -8.17
CA GLY A 163 -7.65 -6.09 -8.78
C GLY A 163 -7.52 -4.58 -8.65
N PRO A 164 -8.43 -3.86 -9.31
CA PRO A 164 -8.37 -2.38 -9.29
C PRO A 164 -8.63 -1.80 -7.90
N ASP A 165 -9.27 -2.55 -7.01
CA ASP A 165 -9.47 -2.15 -5.63
CA ASP A 165 -9.47 -2.11 -5.65
C ASP A 165 -8.17 -2.02 -4.85
N ALA A 166 -7.08 -2.59 -5.35
N ALA A 166 -7.12 -2.70 -5.29
CA ALA A 166 -5.89 -2.77 -4.53
CA ALA A 166 -5.84 -2.73 -4.57
C ALA A 166 -4.97 -1.56 -4.47
C ALA A 166 -4.87 -1.72 -5.17
N VAL A 167 -5.28 -0.46 -5.16
CA VAL A 167 -4.34 0.63 -5.40
C VAL A 167 -4.34 1.63 -4.24
N THR A 168 -3.56 1.31 -3.20
CA THR A 168 -3.53 2.10 -1.97
C THR A 168 -3.21 3.56 -2.23
N ALA A 169 -2.33 3.83 -3.20
CA ALA A 169 -1.94 5.21 -3.44
C ALA A 169 -3.12 6.10 -3.76
N LEU A 170 -4.21 5.54 -4.31
CA LEU A 170 -5.37 6.38 -4.64
C LEU A 170 -6.07 6.92 -3.41
N HIS A 171 -5.79 6.40 -2.22
CA HIS A 171 -6.28 7.06 -1.01
C HIS A 171 -5.68 8.46 -0.82
N TYR A 172 -4.53 8.75 -1.44
CA TYR A 172 -4.01 10.10 -1.43
C TYR A 172 -4.97 11.02 -2.20
N ALA A 173 -5.44 10.58 -3.36
CA ALA A 173 -6.38 11.39 -4.14
C ALA A 173 -7.62 11.72 -3.32
N GLU A 174 -8.13 10.72 -2.59
CA GLU A 174 -9.28 10.96 -1.73
C GLU A 174 -8.97 12.00 -0.67
N ALA A 175 -7.79 11.92 -0.06
CA ALA A 175 -7.42 12.84 1.00
C ALA A 175 -7.42 14.29 0.52
N VAL A 176 -6.91 14.54 -0.70
CA VAL A 176 -6.73 15.91 -1.16
C VAL A 176 -7.88 16.41 -2.03
N ALA A 177 -8.83 15.56 -2.40
CA ALA A 177 -9.88 15.96 -3.32
C ALA A 177 -10.72 17.07 -2.71
N ARG A 178 -10.99 18.09 -3.51
CA ARG A 178 -11.75 19.27 -3.08
C ARG A 178 -13.24 19.00 -3.35
N ILE A 179 -13.83 18.15 -2.53
CA ILE A 179 -15.20 17.69 -2.73
C ILE A 179 -15.94 17.78 -1.43
N GLU A 180 -17.26 17.94 -1.53
CA GLU A 180 -18.12 18.04 -0.37
C GLU A 180 -18.47 16.65 0.16
N GLY A 181 -18.76 16.60 1.45
CA GLY A 181 -19.28 15.38 2.06
C GLY A 181 -18.27 14.33 2.41
N LYS A 182 -16.98 14.67 2.50
CA LYS A 182 -15.98 13.64 2.73
C LYS A 182 -16.14 13.01 4.11
N ARG A 183 -16.09 11.69 4.14
CA ARG A 183 -16.23 10.92 5.36
C ARG A 183 -14.91 10.85 6.13
N ARG A 184 -15.02 10.95 7.44
CA ARG A 184 -13.90 10.77 8.34
C ARG A 184 -14.26 9.68 9.35
N VAL A 185 -13.21 9.11 9.94
CA VAL A 185 -13.33 8.08 10.97
C VAL A 185 -12.47 8.50 12.14
N THR A 186 -12.85 8.03 13.33
CA THR A 186 -12.06 8.16 14.53
C THR A 186 -11.70 6.78 15.04
N TYR A 187 -10.44 6.58 15.41
CA TYR A 187 -9.99 5.30 15.92
C TYR A 187 -8.78 5.54 16.82
N SER A 188 -8.37 4.50 17.54
CA SER A 188 -7.28 4.61 18.50
C SER A 188 -6.28 3.51 18.26
N MET A 189 -5.00 3.86 18.36
CA MET A 189 -3.92 2.90 18.19
C MET A 189 -2.97 2.97 19.38
N PRO A 190 -2.42 1.83 19.79
CA PRO A 190 -1.46 1.83 20.91
C PRO A 190 -0.05 1.87 20.37
N LEU A 191 0.67 2.97 20.66
CA LEU A 191 2.01 3.25 20.15
C LEU A 191 3.04 3.03 21.25
N LEU A 192 4.29 2.81 20.85
CA LEU A 192 5.39 2.87 21.80
C LEU A 192 6.02 4.24 21.75
N ARG A 193 6.16 4.85 22.91
CA ARG A 193 6.88 6.12 23.03
C ARG A 193 7.80 5.99 24.23
N GLU A 194 9.11 6.02 23.97
CA GLU A 194 10.12 5.84 25.00
C GLU A 194 9.88 4.56 25.80
N GLY A 195 9.53 3.49 25.09
CA GLY A 195 9.39 2.17 25.68
C GLY A 195 8.08 1.90 26.37
N LYS A 196 7.15 2.84 26.37
CA LYS A 196 5.87 2.71 27.06
C LYS A 196 4.73 2.74 26.05
N ARG A 197 3.68 1.99 26.36
CA ARG A 197 2.50 2.04 25.53
C ARG A 197 1.73 3.33 25.78
N VAL A 198 1.39 4.03 24.70
CA VAL A 198 0.59 5.24 24.73
C VAL A 198 -0.55 5.07 23.72
N TRP A 199 -1.79 5.18 24.19
CA TRP A 199 -2.92 5.18 23.28
C TRP A 199 -3.07 6.55 22.63
N VAL A 200 -3.20 6.55 21.31
CA VAL A 200 -3.43 7.78 20.54
C VAL A 200 -4.75 7.64 19.81
N THR A 201 -5.65 8.60 20.01
CA THR A 201 -6.90 8.65 19.30
C THR A 201 -6.79 9.75 18.24
N THR A 202 -7.24 9.45 17.02
CA THR A 202 -7.14 10.37 15.91
C THR A 202 -8.38 10.26 15.05
N SER A 203 -8.58 11.26 14.22
CA SER A 203 -9.46 11.15 13.07
C SER A 203 -8.63 11.18 11.79
N ASP A 204 -9.21 10.64 10.73
CA ASP A 204 -8.59 10.68 9.41
C ASP A 204 -9.69 10.43 8.38
N TRP A 205 -9.33 10.58 7.11
CA TRP A 205 -10.27 10.25 6.05
C TRP A 205 -10.66 8.77 6.13
N ASP A 206 -11.91 8.48 5.84
CA ASP A 206 -12.37 7.11 5.81
C ASP A 206 -11.71 6.40 4.63
N SER A 207 -10.86 5.40 4.91
CA SER A 207 -10.23 4.63 3.85
C SER A 207 -11.09 3.50 3.34
N ASN A 208 -12.33 3.40 3.82
CA ASN A 208 -13.30 2.45 3.31
C ASN A 208 -14.40 3.14 2.50
N GLY A 209 -14.09 4.29 1.93
CA GLY A 209 -15.01 4.99 1.04
C GLY A 209 -15.08 6.45 1.43
N ILE A 210 -14.65 7.33 0.54
CA ILE A 210 -14.50 8.74 0.90
C ILE A 210 -15.85 9.46 0.95
N LEU A 211 -16.84 8.98 0.20
CA LEU A 211 -18.20 9.49 0.28
C LEU A 211 -19.13 8.33 0.57
N ASP A 212 -20.33 8.66 1.06
CA ASP A 212 -21.31 7.63 1.38
C ASP A 212 -21.52 6.66 0.23
N GLU A 213 -21.59 7.17 -1.01
CA GLU A 213 -21.89 6.30 -2.15
C GLU A 213 -20.76 5.35 -2.47
N TYR A 214 -19.57 5.57 -1.93
CA TYR A 214 -18.43 4.68 -2.12
C TYR A 214 -18.17 3.77 -0.92
N ALA A 215 -19.00 3.85 0.12
CA ALA A 215 -18.70 3.22 1.40
C ALA A 215 -19.52 1.95 1.66
N ALA A 216 -20.17 1.37 0.64
CA ALA A 216 -20.76 0.06 0.84
C ALA A 216 -19.70 -0.95 1.30
N PRO A 217 -20.04 -1.87 2.21
CA PRO A 217 -19.00 -2.80 2.72
C PRO A 217 -18.31 -3.61 1.65
N ASP A 218 -19.04 -4.02 0.62
CA ASP A 218 -18.50 -4.87 -0.44
C ASP A 218 -18.08 -4.08 -1.68
N GLY A 219 -18.26 -2.76 -1.66
CA GLY A 219 -17.83 -1.93 -2.76
C GLY A 219 -18.86 -1.86 -3.89
N PRO A 220 -18.45 -1.33 -5.06
CA PRO A 220 -17.08 -0.83 -5.24
C PRO A 220 -16.83 0.52 -4.57
N ASP A 221 -15.63 0.69 -4.03
N ASP A 221 -15.63 0.69 -4.02
CA ASP A 221 -15.24 1.96 -3.45
CA ASP A 221 -15.22 1.94 -3.43
C ASP A 221 -14.73 2.89 -4.54
C ASP A 221 -14.69 2.87 -4.53
N ALA A 222 -14.28 4.09 -4.14
CA ALA A 222 -13.80 5.06 -5.12
C ALA A 222 -12.47 4.62 -5.72
N VAL A 223 -11.59 4.00 -4.93
CA VAL A 223 -10.32 3.52 -5.49
C VAL A 223 -10.59 2.59 -6.66
N GLU A 224 -11.48 1.62 -6.46
CA GLU A 224 -11.79 0.66 -7.52
C GLU A 224 -12.40 1.34 -8.73
N ARG A 225 -13.34 2.25 -8.51
CA ARG A 225 -13.98 2.92 -9.64
C ARG A 225 -13.00 3.77 -10.42
N ILE A 226 -12.13 4.51 -9.71
CA ILE A 226 -11.13 5.33 -10.39
C ILE A 226 -10.18 4.46 -11.18
N ALA A 227 -9.65 3.42 -10.52
CA ALA A 227 -8.63 2.59 -11.17
C ALA A 227 -9.19 1.87 -12.39
N ARG A 228 -10.43 1.39 -12.32
CA ARG A 228 -11.01 0.74 -13.49
C ARG A 228 -11.15 1.72 -14.65
N ASP A 229 -11.62 2.93 -14.38
N ASP A 229 -11.57 2.94 -14.36
CA ASP A 229 -11.72 3.95 -15.43
CA ASP A 229 -11.72 3.94 -15.40
C ASP A 229 -10.33 4.27 -15.99
C ASP A 229 -10.36 4.35 -15.98
N TYR A 230 -9.36 4.49 -15.11
CA TYR A 230 -8.01 4.83 -15.56
C TYR A 230 -7.46 3.74 -16.50
N LEU A 231 -7.60 2.47 -16.10
CA LEU A 231 -7.04 1.38 -16.87
C LEU A 231 -7.77 1.20 -18.19
N ALA A 232 -9.02 1.65 -18.29
CA ALA A 232 -9.73 1.58 -19.55
C ALA A 232 -9.33 2.71 -20.48
N ARG A 233 -8.61 3.71 -19.97
CA ARG A 233 -8.36 4.97 -20.66
C ARG A 233 -6.89 5.26 -20.93
N THR A 234 -5.96 4.41 -20.50
CA THR A 234 -4.55 4.74 -20.44
C THR A 234 -3.70 3.59 -20.95
N ARG A 235 -2.64 3.91 -21.68
CA ARG A 235 -1.64 2.91 -22.03
C ARG A 235 -0.80 2.59 -20.80
N VAL A 236 -0.79 1.33 -20.42
CA VAL A 236 -0.11 0.82 -19.25
C VAL A 236 0.53 -0.50 -19.64
N ALA A 237 1.82 -0.68 -19.36
CA ALA A 237 2.46 -1.95 -19.70
C ALA A 237 1.78 -3.08 -18.96
N GLN A 238 1.47 -4.14 -19.69
CA GLN A 238 0.81 -5.33 -19.19
C GLN A 238 1.60 -6.55 -19.62
N GLY A 239 1.64 -7.56 -18.77
CA GLY A 239 2.33 -8.79 -19.09
C GLY A 239 2.38 -9.69 -17.87
N PRO A 240 2.93 -10.90 -18.03
CA PRO A 240 2.91 -11.87 -16.94
C PRO A 240 4.04 -11.62 -15.95
N VAL A 241 3.73 -11.89 -14.69
CA VAL A 241 4.74 -12.14 -13.66
C VAL A 241 4.32 -13.45 -13.00
N GLY A 242 5.18 -14.45 -13.09
CA GLY A 242 4.71 -15.80 -12.83
C GLY A 242 3.53 -16.08 -13.73
N GLY A 243 2.46 -16.65 -13.17
CA GLY A 243 1.22 -16.88 -13.87
C GLY A 243 0.23 -15.73 -13.83
N ALA A 244 0.61 -14.58 -13.28
CA ALA A 244 -0.34 -13.50 -12.97
C ALA A 244 -0.28 -12.41 -14.03
N GLN A 245 -1.46 -12.00 -14.50
CA GLN A 245 -1.54 -10.81 -15.35
C GLN A 245 -1.15 -9.61 -14.50
N SER A 246 -0.19 -8.84 -14.97
CA SER A 246 0.39 -7.76 -14.21
C SER A 246 0.41 -6.47 -15.01
N ARG A 247 0.50 -5.36 -14.30
CA ARG A 247 0.52 -4.02 -14.84
C ARG A 247 1.50 -3.17 -14.06
N LEU A 248 2.15 -2.22 -14.75
CA LEU A 248 3.08 -1.29 -14.13
C LEU A 248 2.58 0.12 -14.38
N ILE A 249 2.11 0.78 -13.32
CA ILE A 249 1.36 2.03 -13.40
C ILE A 249 2.20 3.19 -12.87
N ASP A 250 2.21 4.30 -13.60
N ASP A 250 2.12 4.33 -13.55
CA ASP A 250 2.82 5.52 -13.06
CA ASP A 250 2.74 5.58 -13.12
C ASP A 250 1.94 6.06 -11.94
C ASP A 250 1.95 6.16 -11.95
N ALA A 251 2.49 6.11 -10.73
CA ALA A 251 1.69 6.46 -9.56
C ALA A 251 1.23 7.91 -9.59
N ALA A 252 2.11 8.85 -9.93
CA ALA A 252 1.69 10.24 -9.95
C ALA A 252 0.58 10.45 -10.97
N ASP A 253 0.64 9.75 -12.10
CA ASP A 253 -0.38 9.91 -13.12
C ASP A 253 -1.74 9.38 -12.66
N ILE A 254 -1.78 8.19 -12.06
CA ILE A 254 -3.08 7.65 -11.64
C ILE A 254 -3.66 8.50 -10.51
N VAL A 255 -2.82 9.02 -9.62
CA VAL A 255 -3.34 9.85 -8.53
C VAL A 255 -3.87 11.17 -9.06
N SER A 256 -3.15 11.81 -9.98
N SER A 256 -3.14 11.80 -10.00
CA SER A 256 -3.67 13.03 -10.58
CA SER A 256 -3.64 13.03 -10.61
C SER A 256 -5.00 12.76 -11.28
C SER A 256 -4.97 12.78 -11.31
N PHE A 257 -5.09 11.65 -12.01
CA PHE A 257 -6.33 11.26 -12.66
C PHE A 257 -7.44 11.11 -11.63
N GLY A 258 -7.11 10.50 -10.49
CA GLY A 258 -8.12 10.28 -9.46
C GLY A 258 -8.62 11.54 -8.80
N ILE A 259 -7.73 12.51 -8.58
CA ILE A 259 -8.15 13.81 -8.05
C ILE A 259 -9.12 14.47 -9.02
N GLU A 260 -8.76 14.47 -10.29
CA GLU A 260 -9.63 15.06 -11.31
C GLU A 260 -10.95 14.31 -11.40
N TRP A 261 -10.91 12.99 -11.29
CA TRP A 261 -12.11 12.15 -11.40
C TRP A 261 -13.10 12.50 -10.29
N LEU A 262 -12.61 12.59 -9.06
CA LEU A 262 -13.46 12.93 -7.93
C LEU A 262 -13.99 14.35 -8.06
N GLU A 263 -13.13 15.31 -8.41
CA GLU A 263 -13.54 16.71 -8.46
C GLU A 263 -14.50 16.97 -9.62
N ALA A 264 -14.45 16.17 -10.68
CA ALA A 264 -15.40 16.32 -11.78
C ALA A 264 -16.77 15.83 -11.39
N ARG A 265 -16.86 14.90 -10.44
CA ARG A 265 -18.11 14.25 -10.10
C ARG A 265 -18.78 14.81 -8.86
N HIS A 266 -18.06 15.53 -8.02
CA HIS A 266 -18.59 15.91 -6.73
C HIS A 266 -18.38 17.41 -6.53
N ALA A 267 -19.44 18.09 -6.08
CA ALA A 267 -19.38 19.53 -5.90
C ALA A 267 -18.35 19.85 -4.81
N ALA A 268 -17.72 21.02 -4.94
CA ALA A 268 -16.77 21.48 -3.93
C ALA A 268 -17.50 21.89 -2.65
#